data_1F3P
#
_entry.id   1F3P
#
_cell.length_a   98.900
_cell.length_b   98.900
_cell.length_c   170.900
_cell.angle_alpha   90.00
_cell.angle_beta   90.00
_cell.angle_gamma   120.00
#
_symmetry.space_group_name_H-M   'P 61 2 2'
#
loop_
_entity.id
_entity.type
_entity.pdbx_description
1 polymer 'FERREDOXIN REDUCTASE'
2 non-polymer 'FLAVIN-ADENINE DINUCLEOTIDE'
3 non-polymer NICOTINAMIDE-ADENINE-DINUCLEOTIDE
4 water water
#
_entity_poly.entity_id   1
_entity_poly.type   'polypeptide(L)'
_entity_poly.pdbx_seq_one_letter_code
;MSQEALKAPVVVLGAGLASVSFVAELRQAGYQGLITVVGDEAERPYDRPPLSKDFMAHGDAEKIRLDCKRAPEVEWLLGV
TAQSFDPQAHTVALSDGRTLPYGTLVLATGAAPRALPTLQGATMPVHTLRTLEDARRIQAGLRPQSRLLIVGGGVIGLEL
AATARTAGVHVSLVETQPRLMSRAAPATLADFVARYHAAQGVDLRFERSVTGSVDGVVLLDDGTRIAADMVVVGIGVLAN
DALARAAGLACDDGIFVDAYGRTTCPDVYALGDVTRQRNPLSGRFERIETWSNAQNQGIAVARHLVDPTAPGYAELPWYW
SDQGALRIQVAGLASGDEEIVRGEVSLDAPKFTLIELQKGRIVGATCVNNARDFAPLRRLLAVGAKPDRAALADPATDLR
KLAAAVAA
;
_entity_poly.pdbx_strand_id   A
#
loop_
_chem_comp.id
_chem_comp.type
_chem_comp.name
_chem_comp.formula
FAD non-polymer 'FLAVIN-ADENINE DINUCLEOTIDE' 'C27 H33 N9 O15 P2'
NAD non-polymer NICOTINAMIDE-ADENINE-DINUCLEOTIDE 'C21 H27 N7 O14 P2'
#
# COMPACT_ATOMS: atom_id res chain seq x y z
N ALA A 5 20.96 -18.58 -11.16
CA ALA A 5 20.54 -18.70 -9.74
C ALA A 5 20.95 -17.46 -8.94
N LEU A 6 21.39 -17.69 -7.69
CA LEU A 6 21.81 -16.61 -6.78
C LEU A 6 23.29 -16.30 -6.85
N LYS A 7 23.64 -15.25 -7.58
CA LYS A 7 25.03 -14.82 -7.73
C LYS A 7 25.31 -13.71 -6.70
N ALA A 8 26.42 -13.82 -5.99
CA ALA A 8 26.77 -12.79 -5.01
C ALA A 8 27.77 -11.86 -5.67
N PRO A 9 27.90 -10.62 -5.19
CA PRO A 9 27.20 -10.00 -4.06
C PRO A 9 25.77 -9.55 -4.42
N VAL A 10 24.93 -9.46 -3.40
CA VAL A 10 23.56 -9.01 -3.60
C VAL A 10 23.46 -7.53 -3.25
N VAL A 11 22.83 -6.76 -4.13
CA VAL A 11 22.65 -5.33 -3.90
C VAL A 11 21.16 -5.01 -4.06
N VAL A 12 20.55 -4.45 -3.01
CA VAL A 12 19.14 -4.09 -3.06
C VAL A 12 18.99 -2.58 -3.08
N LEU A 13 18.17 -2.06 -3.98
CA LEU A 13 17.95 -0.62 -4.06
C LEU A 13 16.60 -0.28 -3.39
N GLY A 14 16.66 0.52 -2.34
CA GLY A 14 15.46 0.87 -1.60
C GLY A 14 15.54 0.15 -0.27
N ALA A 15 15.10 0.80 0.80
CA ALA A 15 15.16 0.19 2.12
C ALA A 15 13.83 0.22 2.86
N GLY A 16 12.75 -0.06 2.13
CA GLY A 16 11.45 -0.08 2.77
C GLY A 16 11.10 -1.50 3.23
N LEU A 17 9.82 -1.73 3.49
CA LEU A 17 9.33 -3.03 3.94
C LEU A 17 9.65 -4.20 3.00
N ALA A 18 9.61 -3.96 1.68
CA ALA A 18 9.90 -5.00 0.70
C ALA A 18 11.37 -5.38 0.79
N SER A 19 12.22 -4.37 0.89
CA SER A 19 13.66 -4.60 0.97
C SER A 19 14.03 -5.31 2.26
N VAL A 20 13.53 -4.83 3.39
CA VAL A 20 13.85 -5.43 4.67
C VAL A 20 13.37 -6.89 4.77
N SER A 21 12.16 -7.17 4.29
CA SER A 21 11.62 -8.54 4.32
C SER A 21 12.41 -9.47 3.39
N PHE A 22 12.80 -8.96 2.22
CA PHE A 22 13.56 -9.74 1.26
C PHE A 22 14.94 -10.13 1.80
N VAL A 23 15.69 -9.15 2.32
CA VAL A 23 17.03 -9.43 2.84
C VAL A 23 17.01 -10.28 4.10
N ALA A 24 15.96 -10.13 4.91
CA ALA A 24 15.85 -10.93 6.13
C ALA A 24 15.68 -12.40 5.74
N GLU A 25 14.84 -12.64 4.75
CA GLU A 25 14.57 -13.99 4.27
C GLU A 25 15.80 -14.61 3.60
N LEU A 26 16.56 -13.81 2.85
CA LEU A 26 17.76 -14.32 2.17
C LEU A 26 18.64 -14.99 3.21
N ARG A 27 18.85 -14.29 4.33
CA ARG A 27 19.67 -14.78 5.41
C ARG A 27 19.03 -16.01 6.05
N GLN A 28 17.75 -15.89 6.39
CA GLN A 28 17.03 -16.99 7.01
C GLN A 28 17.04 -18.21 6.10
N ALA A 29 16.92 -17.97 4.81
CA ALA A 29 16.93 -19.07 3.85
C ALA A 29 18.31 -19.71 3.76
N GLY A 30 19.27 -19.17 4.48
CA GLY A 30 20.61 -19.75 4.46
C GLY A 30 21.66 -19.09 3.57
N TYR A 31 21.38 -17.92 3.00
CA TYR A 31 22.40 -17.27 2.17
C TYR A 31 23.34 -16.58 3.14
N GLN A 32 24.64 -16.72 2.91
CA GLN A 32 25.62 -16.14 3.81
C GLN A 32 26.61 -15.19 3.14
N GLY A 33 26.41 -14.95 1.85
CA GLY A 33 27.29 -14.05 1.12
C GLY A 33 26.99 -12.61 1.44
N LEU A 34 27.66 -11.72 0.73
CA LEU A 34 27.51 -10.28 0.93
C LEU A 34 26.16 -9.72 0.53
N ILE A 35 25.63 -8.82 1.36
CA ILE A 35 24.37 -8.13 1.09
C ILE A 35 24.51 -6.64 1.45
N THR A 36 24.18 -5.75 0.51
CA THR A 36 24.25 -4.32 0.77
C THR A 36 22.92 -3.68 0.37
N VAL A 37 22.41 -2.77 1.20
CA VAL A 37 21.12 -2.12 0.92
C VAL A 37 21.28 -0.61 0.80
N VAL A 38 20.75 -0.04 -0.29
CA VAL A 38 20.84 1.40 -0.55
C VAL A 38 19.52 2.13 -0.35
N GLY A 39 19.44 2.92 0.71
CA GLY A 39 18.22 3.67 1.00
C GLY A 39 18.49 5.16 0.89
N ASP A 40 17.74 5.83 0.02
CA ASP A 40 17.92 7.28 -0.17
C ASP A 40 17.51 8.06 1.06
N GLU A 41 16.50 7.55 1.78
CA GLU A 41 16.01 8.20 3.00
C GLU A 41 17.02 8.00 4.13
N ALA A 42 17.43 9.10 4.75
CA ALA A 42 18.37 9.02 5.85
C ALA A 42 17.58 8.69 7.10
N GLU A 43 16.92 7.53 7.11
CA GLU A 43 16.13 7.11 8.26
C GLU A 43 16.26 5.62 8.53
N ARG A 44 16.36 5.28 9.81
CA ARG A 44 16.43 3.89 10.20
C ARG A 44 15.13 3.29 9.63
N PRO A 45 15.22 2.18 8.89
CA PRO A 45 14.03 1.55 8.30
C PRO A 45 12.80 1.51 9.21
N TYR A 46 11.68 2.01 8.69
CA TYR A 46 10.41 2.05 9.42
C TYR A 46 9.22 1.60 8.57
N ASP A 47 8.08 1.39 9.22
CA ASP A 47 6.83 0.98 8.54
C ASP A 47 5.95 2.24 8.38
N ARG A 48 5.27 2.33 7.23
CA ARG A 48 4.43 3.47 6.92
C ARG A 48 3.00 3.46 7.45
N PRO A 49 2.37 2.27 7.59
CA PRO A 49 0.99 2.25 8.09
C PRO A 49 0.70 3.19 9.27
N PRO A 50 1.57 3.23 10.28
CA PRO A 50 1.36 4.11 11.44
C PRO A 50 1.41 5.61 11.15
N LEU A 51 2.06 6.00 10.06
CA LEU A 51 2.19 7.42 9.74
C LEU A 51 0.86 8.17 9.67
N SER A 52 -0.20 7.49 9.24
CA SER A 52 -1.51 8.11 9.13
C SER A 52 -2.37 7.72 10.31
N LYS A 53 -1.84 6.86 11.17
CA LYS A 53 -2.56 6.37 12.35
C LYS A 53 -1.95 6.86 13.65
N ASP A 54 -1.70 5.93 14.55
CA ASP A 54 -1.16 6.23 15.88
C ASP A 54 0.01 7.23 15.90
N PHE A 55 0.89 7.17 14.90
CA PHE A 55 2.01 8.11 14.88
C PHE A 55 1.54 9.57 14.93
N MET A 56 0.43 9.85 14.26
CA MET A 56 -0.13 11.19 14.23
C MET A 56 -0.52 11.63 15.64
N ALA A 57 -0.61 10.68 16.57
CA ALA A 57 -0.98 10.97 17.95
C ALA A 57 0.23 11.15 18.85
N HIS A 58 1.05 10.09 18.94
CA HIS A 58 2.26 10.08 19.76
C HIS A 58 3.52 10.62 19.09
N GLY A 59 3.53 10.66 17.76
CA GLY A 59 4.70 11.16 17.04
C GLY A 59 6.03 10.57 17.48
N ASP A 60 6.03 9.31 17.86
CA ASP A 60 7.23 8.62 18.31
C ASP A 60 7.70 7.71 17.19
N ALA A 61 8.81 8.09 16.55
CA ALA A 61 9.38 7.31 15.44
C ALA A 61 10.03 6.00 15.87
N GLU A 62 10.41 5.88 17.14
CA GLU A 62 11.05 4.66 17.59
C GLU A 62 10.03 3.55 17.85
N LYS A 63 8.75 3.90 17.75
CA LYS A 63 7.66 2.96 17.96
C LYS A 63 7.20 2.32 16.65
N ILE A 64 7.82 2.74 15.55
CA ILE A 64 7.44 2.25 14.23
C ILE A 64 8.57 1.76 13.33
N ARG A 65 9.75 1.50 13.88
CA ARG A 65 10.86 1.01 13.07
C ARG A 65 10.61 -0.44 12.66
N LEU A 66 11.31 -0.90 11.62
CA LEU A 66 11.17 -2.28 11.15
C LEU A 66 12.23 -3.13 11.87
N ASP A 67 11.94 -4.40 12.11
CA ASP A 67 12.88 -5.28 12.81
C ASP A 67 13.89 -5.98 11.89
N CYS A 68 15.07 -5.38 11.77
CA CYS A 68 16.15 -5.88 10.93
C CYS A 68 17.01 -6.94 11.62
N LYS A 69 16.57 -7.40 12.79
CA LYS A 69 17.32 -8.40 13.53
C LYS A 69 17.43 -9.70 12.75
N ARG A 70 16.38 -10.04 12.01
CA ARG A 70 16.39 -11.26 11.23
C ARG A 70 17.31 -11.14 10.02
N ALA A 71 17.93 -9.97 9.87
CA ALA A 71 18.83 -9.75 8.74
C ALA A 71 20.24 -9.37 9.19
N PRO A 72 20.98 -10.33 9.76
CA PRO A 72 22.35 -10.10 10.23
C PRO A 72 23.35 -9.85 9.09
N GLU A 73 24.46 -9.20 9.43
CA GLU A 73 25.55 -8.91 8.51
C GLU A 73 25.13 -8.25 7.20
N VAL A 74 24.36 -7.17 7.32
CA VAL A 74 23.89 -6.41 6.16
C VAL A 74 24.35 -4.96 6.34
N GLU A 75 24.95 -4.39 5.32
CA GLU A 75 25.39 -3.00 5.40
C GLU A 75 24.30 -2.12 4.77
N TRP A 76 23.75 -1.21 5.58
CA TRP A 76 22.71 -0.31 5.09
C TRP A 76 23.26 1.06 4.83
N LEU A 77 23.21 1.49 3.58
CA LEU A 77 23.68 2.82 3.25
C LEU A 77 22.47 3.73 3.20
N LEU A 78 22.11 4.30 4.34
CA LEU A 78 20.97 5.21 4.42
C LEU A 78 21.38 6.64 4.07
N GLY A 79 20.48 7.35 3.40
CA GLY A 79 20.76 8.72 3.01
C GLY A 79 21.41 8.77 1.64
N VAL A 80 21.68 7.61 1.06
CA VAL A 80 22.30 7.53 -0.27
C VAL A 80 21.34 7.13 -1.37
N THR A 81 21.43 7.81 -2.50
CA THR A 81 20.59 7.56 -3.66
C THR A 81 21.32 6.82 -4.79
N ALA A 82 20.74 5.69 -5.24
CA ALA A 82 21.32 4.92 -6.35
C ALA A 82 20.93 5.70 -7.59
N GLN A 83 21.91 6.31 -8.26
CA GLN A 83 21.63 7.14 -9.42
C GLN A 83 21.43 6.41 -10.74
N SER A 84 21.98 5.20 -10.84
CA SER A 84 21.83 4.41 -12.05
C SER A 84 22.65 3.14 -11.89
N PHE A 85 22.41 2.18 -12.77
CA PHE A 85 23.17 0.94 -12.73
C PHE A 85 23.49 0.47 -14.13
N ASP A 86 24.66 -0.14 -14.29
CA ASP A 86 25.08 -0.68 -15.57
C ASP A 86 24.91 -2.19 -15.43
N PRO A 87 23.96 -2.77 -16.20
CA PRO A 87 23.63 -4.20 -16.22
C PRO A 87 24.67 -5.08 -16.91
N GLN A 88 25.51 -4.46 -17.73
CA GLN A 88 26.56 -5.20 -18.42
C GLN A 88 27.78 -5.26 -17.53
N ALA A 89 28.12 -4.10 -16.96
CA ALA A 89 29.25 -3.98 -16.06
C ALA A 89 28.90 -4.50 -14.69
N HIS A 90 27.59 -4.66 -14.44
CA HIS A 90 27.11 -5.15 -13.15
C HIS A 90 27.60 -4.26 -12.00
N THR A 91 27.24 -2.97 -12.05
CA THR A 91 27.61 -1.97 -11.04
C THR A 91 26.50 -0.93 -10.84
N VAL A 92 26.48 -0.29 -9.67
CA VAL A 92 25.49 0.74 -9.39
C VAL A 92 26.22 2.03 -9.03
N ALA A 93 25.74 3.15 -9.55
CA ALA A 93 26.35 4.46 -9.27
C ALA A 93 25.59 5.13 -8.14
N LEU A 94 26.30 5.40 -7.04
CA LEU A 94 25.68 6.02 -5.87
C LEU A 94 25.88 7.51 -5.87
N SER A 95 25.01 8.23 -5.16
CA SER A 95 25.07 9.70 -5.11
C SER A 95 26.27 10.26 -4.34
N ASP A 96 27.00 9.40 -3.64
CA ASP A 96 28.16 9.85 -2.88
C ASP A 96 29.45 9.56 -3.65
N GLY A 97 29.29 9.28 -4.94
CA GLY A 97 30.44 9.00 -5.78
C GLY A 97 30.94 7.57 -5.78
N ARG A 98 30.44 6.73 -4.88
CA ARG A 98 30.89 5.36 -4.84
C ARG A 98 30.17 4.51 -5.88
N THR A 99 30.70 3.32 -6.12
CA THR A 99 30.11 2.37 -7.06
C THR A 99 30.03 1.01 -6.36
N LEU A 100 28.91 0.31 -6.51
CA LEU A 100 28.76 -1.00 -5.88
C LEU A 100 28.71 -2.10 -6.95
N PRO A 101 29.49 -3.16 -6.75
CA PRO A 101 29.49 -4.28 -7.70
C PRO A 101 28.36 -5.22 -7.30
N TYR A 102 27.74 -5.87 -8.28
CA TYR A 102 26.67 -6.80 -7.96
C TYR A 102 26.64 -8.04 -8.83
N GLY A 103 26.19 -9.14 -8.24
CA GLY A 103 26.06 -10.40 -8.96
C GLY A 103 24.57 -10.54 -9.20
N THR A 104 23.79 -10.15 -8.19
CA THR A 104 22.34 -10.18 -8.27
C THR A 104 21.83 -8.87 -7.72
N LEU A 105 21.14 -8.09 -8.55
CA LEU A 105 20.59 -6.80 -8.13
C LEU A 105 19.06 -6.80 -8.03
N VAL A 106 18.55 -6.31 -6.92
CA VAL A 106 17.13 -6.25 -6.65
C VAL A 106 16.67 -4.79 -6.58
N LEU A 107 15.54 -4.49 -7.23
CA LEU A 107 15.00 -3.13 -7.22
C LEU A 107 13.71 -3.14 -6.44
N ALA A 108 13.76 -2.59 -5.23
CA ALA A 108 12.61 -2.52 -4.32
C ALA A 108 12.47 -1.06 -3.91
N THR A 109 12.46 -0.19 -4.93
CA THR A 109 12.37 1.25 -4.73
C THR A 109 10.97 1.80 -4.54
N GLY A 110 9.99 0.91 -4.34
CA GLY A 110 8.61 1.34 -4.12
C GLY A 110 8.06 2.37 -5.08
N ALA A 111 7.15 3.20 -4.57
CA ALA A 111 6.53 4.25 -5.38
C ALA A 111 6.47 5.55 -4.61
N ALA A 112 6.01 6.61 -5.29
CA ALA A 112 5.93 7.94 -4.71
C ALA A 112 4.60 8.61 -4.99
N PRO A 113 4.06 9.36 -4.01
CA PRO A 113 2.78 10.06 -4.13
C PRO A 113 2.68 10.98 -5.34
N ARG A 114 1.58 10.83 -6.08
CA ARG A 114 1.31 11.65 -7.25
C ARG A 114 1.11 13.07 -6.80
N ALA A 115 1.73 14.01 -7.52
CA ALA A 115 1.63 15.41 -7.19
C ALA A 115 0.37 16.02 -7.76
N LEU A 116 -0.01 17.16 -7.19
CA LEU A 116 -1.18 17.89 -7.63
C LEU A 116 -0.72 19.14 -8.33
N PRO A 117 -0.85 19.17 -9.68
CA PRO A 117 -0.44 20.29 -10.53
C PRO A 117 -0.96 21.66 -10.02
N THR A 118 -2.22 21.89 -10.36
CA THR A 118 -2.96 23.10 -10.01
C THR A 118 -2.50 23.79 -8.72
N LEU A 119 -2.19 23.00 -7.69
CA LEU A 119 -1.75 23.56 -6.42
C LEU A 119 -0.29 24.00 -6.42
N GLN A 120 0.27 24.16 -7.61
CA GLN A 120 1.65 24.64 -7.72
C GLN A 120 1.76 26.05 -7.10
N GLY A 121 2.55 26.15 -6.04
CA GLY A 121 2.75 27.44 -5.38
C GLY A 121 1.70 27.91 -4.39
N ALA A 122 0.52 27.29 -4.41
CA ALA A 122 -0.55 27.67 -3.49
C ALA A 122 -0.03 28.06 -2.10
N THR A 123 0.17 29.35 -1.91
CA THR A 123 0.68 29.91 -0.66
C THR A 123 0.71 28.99 0.57
N MET A 124 -0.44 28.52 1.06
CA MET A 124 -0.51 27.66 2.27
C MET A 124 0.10 26.24 2.17
N PRO A 125 0.31 25.57 3.32
CA PRO A 125 0.89 24.22 3.33
C PRO A 125 0.19 23.20 2.44
N VAL A 126 0.99 22.45 1.69
CA VAL A 126 0.49 21.40 0.81
C VAL A 126 1.45 20.22 0.91
N HIS A 127 0.97 19.12 1.47
CA HIS A 127 1.79 17.95 1.67
C HIS A 127 1.19 16.70 1.04
N THR A 128 2.01 15.67 0.92
CA THR A 128 1.55 14.40 0.42
C THR A 128 1.91 13.60 1.65
N LEU A 129 1.38 12.41 1.79
CA LEU A 129 1.72 11.63 2.98
C LEU A 129 2.33 10.31 2.56
N ARG A 130 3.65 10.27 2.47
CA ARG A 130 4.33 9.04 2.10
C ARG A 130 5.44 8.71 3.08
N THR A 131 6.19 9.73 3.50
CA THR A 131 7.32 9.54 4.41
C THR A 131 7.12 9.98 5.84
N LEU A 132 8.12 9.69 6.66
CA LEU A 132 8.14 10.03 8.07
C LEU A 132 8.29 11.54 8.21
N GLU A 133 9.02 12.14 7.28
CA GLU A 133 9.21 13.58 7.28
C GLU A 133 7.88 14.23 6.95
N ASP A 134 7.13 13.58 6.05
CA ASP A 134 5.81 14.07 5.65
C ASP A 134 4.98 13.99 6.90
N ALA A 135 4.92 12.79 7.46
CA ALA A 135 4.14 12.53 8.66
C ALA A 135 4.38 13.62 9.68
N ARG A 136 5.64 13.95 9.89
CA ARG A 136 6.00 14.97 10.88
C ARG A 136 5.49 16.36 10.51
N ARG A 137 5.66 16.76 9.26
CA ARG A 137 5.17 18.08 8.84
C ARG A 137 3.64 18.20 9.05
N ILE A 138 2.89 17.23 8.53
CA ILE A 138 1.43 17.22 8.65
C ILE A 138 1.01 17.21 10.12
N GLN A 139 1.60 16.33 10.90
CA GLN A 139 1.26 16.24 12.31
C GLN A 139 1.28 17.64 12.94
N ALA A 140 2.30 18.42 12.61
CA ALA A 140 2.43 19.76 13.17
C ALA A 140 1.17 20.60 12.95
N GLY A 141 0.78 20.78 11.69
CA GLY A 141 -0.40 21.57 11.39
C GLY A 141 -1.75 21.02 11.79
N LEU A 142 -1.78 19.91 12.54
CA LEU A 142 -3.05 19.32 12.97
C LEU A 142 -3.58 19.92 14.28
N ARG A 143 -3.54 21.25 14.38
CA ARG A 143 -4.03 21.95 15.56
C ARG A 143 -5.54 22.01 15.52
N PRO A 144 -6.21 21.79 16.66
CA PRO A 144 -7.67 21.81 16.80
C PRO A 144 -8.39 22.99 16.19
N GLN A 145 -9.59 22.72 15.69
CA GLN A 145 -10.45 23.71 15.06
C GLN A 145 -9.89 24.21 13.75
N SER A 146 -8.61 23.93 13.48
CA SER A 146 -7.98 24.34 12.23
C SER A 146 -8.73 23.61 11.13
N ARG A 147 -8.54 24.02 9.88
CA ARG A 147 -9.24 23.35 8.79
C ARG A 147 -8.35 22.64 7.79
N LEU A 148 -8.50 21.32 7.74
CA LEU A 148 -7.72 20.49 6.83
C LEU A 148 -8.52 20.10 5.59
N LEU A 149 -7.89 20.22 4.42
CA LEU A 149 -8.55 19.83 3.19
C LEU A 149 -7.78 18.65 2.61
N ILE A 150 -8.49 17.54 2.40
CA ILE A 150 -7.90 16.33 1.85
C ILE A 150 -8.36 16.16 0.41
N VAL A 151 -7.40 15.92 -0.48
CA VAL A 151 -7.73 15.72 -1.89
C VAL A 151 -7.53 14.25 -2.23
N GLY A 152 -8.63 13.51 -2.31
CA GLY A 152 -8.55 12.09 -2.62
C GLY A 152 -9.28 11.24 -1.60
N GLY A 153 -10.26 10.47 -2.08
CA GLY A 153 -11.06 9.60 -1.24
C GLY A 153 -10.49 8.19 -1.19
N GLY A 154 -9.17 8.09 -1.31
CA GLY A 154 -8.51 6.80 -1.26
C GLY A 154 -8.34 6.37 0.18
N VAL A 155 -7.45 5.41 0.41
CA VAL A 155 -7.21 4.89 1.75
C VAL A 155 -6.37 5.79 2.66
N ILE A 156 -5.43 6.53 2.07
CA ILE A 156 -4.59 7.42 2.86
C ILE A 156 -5.47 8.58 3.31
N GLY A 157 -6.30 9.03 2.38
CA GLY A 157 -7.19 10.16 2.65
C GLY A 157 -8.21 9.94 3.74
N LEU A 158 -8.89 8.80 3.70
CA LEU A 158 -9.91 8.52 4.70
C LEU A 158 -9.29 8.16 6.05
N GLU A 159 -8.08 7.60 6.01
CA GLU A 159 -7.40 7.24 7.24
C GLU A 159 -6.92 8.51 7.96
N LEU A 160 -6.57 9.54 7.19
CA LEU A 160 -6.13 10.80 7.77
C LEU A 160 -7.34 11.58 8.28
N ALA A 161 -8.44 11.51 7.55
CA ALA A 161 -9.66 12.21 7.94
C ALA A 161 -10.08 11.74 9.32
N ALA A 162 -10.09 10.43 9.53
CA ALA A 162 -10.47 9.87 10.81
C ALA A 162 -9.54 10.37 11.92
N THR A 163 -8.24 10.37 11.63
CA THR A 163 -7.23 10.83 12.58
C THR A 163 -7.30 12.35 12.76
N ALA A 164 -7.68 13.06 11.71
CA ALA A 164 -7.79 14.51 11.79
C ALA A 164 -9.03 14.86 12.62
N ARG A 165 -10.14 14.19 12.34
CA ARG A 165 -11.38 14.41 13.06
C ARG A 165 -11.25 13.98 14.52
N THR A 166 -10.55 12.88 14.74
CA THR A 166 -10.34 12.37 16.09
C THR A 166 -9.48 13.31 16.95
N ALA A 167 -8.95 14.38 16.34
CA ALA A 167 -8.12 15.33 17.07
C ALA A 167 -8.66 16.76 17.04
N GLY A 168 -9.98 16.90 17.05
CA GLY A 168 -10.59 18.21 17.05
C GLY A 168 -10.46 19.03 15.78
N VAL A 169 -9.81 18.48 14.76
CA VAL A 169 -9.64 19.19 13.50
C VAL A 169 -10.88 19.09 12.60
N HIS A 170 -11.06 20.08 11.74
CA HIS A 170 -12.19 20.10 10.81
C HIS A 170 -11.72 19.52 9.50
N VAL A 171 -12.53 18.66 8.88
CA VAL A 171 -12.11 18.05 7.62
C VAL A 171 -13.02 18.12 6.41
N SER A 172 -12.41 18.45 5.28
CA SER A 172 -13.10 18.56 4.00
C SER A 172 -12.33 17.64 3.06
N LEU A 173 -13.05 16.90 2.20
CA LEU A 173 -12.40 15.95 1.30
C LEU A 173 -12.97 16.07 -0.11
N VAL A 174 -12.10 16.05 -1.11
CA VAL A 174 -12.53 16.15 -2.51
C VAL A 174 -12.18 14.89 -3.29
N GLU A 175 -13.16 14.33 -4.00
CA GLU A 175 -12.93 13.13 -4.79
C GLU A 175 -13.54 13.30 -6.19
N THR A 176 -12.76 12.92 -7.21
CA THR A 176 -13.20 13.04 -8.60
C THR A 176 -14.23 11.99 -8.99
N GLN A 177 -14.20 10.86 -8.30
CA GLN A 177 -15.12 9.75 -8.57
C GLN A 177 -16.40 9.89 -7.76
N PRO A 178 -17.49 9.26 -8.24
CA PRO A 178 -18.81 9.29 -7.59
C PRO A 178 -18.85 8.56 -6.25
N ARG A 179 -17.74 7.88 -5.90
CA ARG A 179 -17.65 7.14 -4.63
C ARG A 179 -16.21 7.15 -4.13
N LEU A 180 -16.02 6.73 -2.88
CA LEU A 180 -14.70 6.67 -2.29
C LEU A 180 -14.10 5.29 -2.53
N MET A 181 -12.80 5.16 -2.27
CA MET A 181 -12.12 3.88 -2.44
C MET A 181 -12.47 3.14 -3.71
N SER A 182 -12.71 3.91 -4.76
CA SER A 182 -13.06 3.39 -6.06
C SER A 182 -12.06 2.31 -6.50
N ARG A 183 -10.82 2.44 -6.03
CA ARG A 183 -9.71 1.53 -6.37
C ARG A 183 -9.87 0.05 -6.03
N ALA A 184 -9.91 -0.30 -4.74
CA ALA A 184 -10.02 -1.72 -4.38
C ALA A 184 -11.01 -2.02 -3.25
N ALA A 185 -12.26 -1.61 -3.42
CA ALA A 185 -13.28 -1.86 -2.42
C ALA A 185 -14.66 -2.14 -3.01
N PRO A 186 -15.44 -3.00 -2.37
CA PRO A 186 -16.77 -3.29 -2.92
C PRO A 186 -17.58 -2.01 -2.84
N ALA A 187 -18.50 -1.80 -3.77
CA ALA A 187 -19.32 -0.58 -3.75
C ALA A 187 -20.12 -0.55 -2.45
N THR A 188 -20.60 -1.72 -2.03
CA THR A 188 -21.38 -1.84 -0.81
C THR A 188 -20.61 -1.21 0.37
N LEU A 189 -19.33 -1.54 0.47
CA LEU A 189 -18.46 -1.01 1.52
C LEU A 189 -18.22 0.48 1.40
N ALA A 190 -18.04 0.96 0.17
CA ALA A 190 -17.79 2.38 -0.05
C ALA A 190 -18.96 3.25 0.38
N ASP A 191 -20.18 2.87 0.01
CA ASP A 191 -21.37 3.62 0.38
C ASP A 191 -21.40 3.81 1.90
N PHE A 192 -21.07 2.74 2.61
CA PHE A 192 -21.04 2.74 4.07
C PHE A 192 -19.93 3.65 4.59
N VAL A 193 -18.70 3.39 4.14
CA VAL A 193 -17.55 4.18 4.55
C VAL A 193 -17.86 5.67 4.37
N ALA A 194 -18.46 5.99 3.22
CA ALA A 194 -18.84 7.37 2.93
C ALA A 194 -19.84 7.82 4.00
N ARG A 195 -20.86 7.00 4.25
CA ARG A 195 -21.89 7.31 5.25
C ARG A 195 -21.25 7.58 6.60
N TYR A 196 -20.35 6.69 7.01
CA TYR A 196 -19.64 6.78 8.29
C TYR A 196 -18.89 8.10 8.48
N HIS A 197 -18.05 8.45 7.51
CA HIS A 197 -17.28 9.67 7.60
C HIS A 197 -18.18 10.90 7.65
N ALA A 198 -19.12 10.99 6.73
CA ALA A 198 -20.05 12.11 6.73
C ALA A 198 -20.64 12.27 8.14
N ALA A 199 -20.95 11.14 8.76
CA ALA A 199 -21.53 11.11 10.09
C ALA A 199 -20.54 11.59 11.14
N GLN A 200 -19.25 11.40 10.88
CA GLN A 200 -18.21 11.82 11.81
C GLN A 200 -17.84 13.30 11.63
N GLY A 201 -18.48 13.96 10.65
CA GLY A 201 -18.21 15.37 10.43
C GLY A 201 -17.37 15.72 9.22
N VAL A 202 -17.17 14.78 8.32
CA VAL A 202 -16.37 15.03 7.13
C VAL A 202 -17.23 15.57 5.98
N ASP A 203 -16.73 16.64 5.37
CA ASP A 203 -17.44 17.26 4.26
C ASP A 203 -17.02 16.61 2.96
N LEU A 204 -17.75 15.59 2.55
CA LEU A 204 -17.42 14.90 1.31
C LEU A 204 -17.91 15.61 0.06
N ARG A 205 -17.01 15.77 -0.91
CA ARG A 205 -17.34 16.41 -2.17
C ARG A 205 -17.08 15.44 -3.31
N PHE A 206 -18.14 14.80 -3.81
CA PHE A 206 -17.96 13.87 -4.88
C PHE A 206 -18.06 14.50 -6.27
N GLU A 207 -17.47 13.83 -7.26
CA GLU A 207 -17.47 14.31 -8.64
C GLU A 207 -16.84 15.71 -8.76
N ARG A 208 -16.11 16.12 -7.73
CA ARG A 208 -15.43 17.41 -7.71
C ARG A 208 -13.93 17.21 -7.81
N SER A 209 -13.22 18.26 -8.21
CA SER A 209 -11.78 18.22 -8.39
C SER A 209 -11.17 19.62 -8.26
N VAL A 210 -10.05 19.74 -7.56
CA VAL A 210 -9.38 21.02 -7.37
C VAL A 210 -8.77 21.57 -8.66
N THR A 211 -9.17 22.79 -9.03
CA THR A 211 -8.68 23.43 -10.25
C THR A 211 -7.58 24.47 -10.05
N GLY A 212 -7.34 24.86 -8.80
CA GLY A 212 -6.32 25.85 -8.52
C GLY A 212 -6.30 26.27 -7.07
N SER A 213 -5.81 27.48 -6.82
CA SER A 213 -5.73 28.01 -5.46
C SER A 213 -5.28 29.47 -5.54
N VAL A 214 -6.01 30.34 -4.87
CA VAL A 214 -5.71 31.77 -4.89
C VAL A 214 -5.73 32.40 -3.50
N ASP A 215 -4.56 32.42 -2.87
CA ASP A 215 -4.38 33.01 -1.54
C ASP A 215 -5.02 32.27 -0.36
N GLY A 216 -4.67 31.00 -0.22
CA GLY A 216 -5.21 30.22 0.90
C GLY A 216 -6.63 29.75 0.70
N VAL A 217 -7.05 29.63 -0.56
CA VAL A 217 -8.38 29.16 -0.88
C VAL A 217 -8.24 28.27 -2.10
N VAL A 218 -9.02 27.19 -2.13
CA VAL A 218 -8.93 26.25 -3.24
C VAL A 218 -10.10 26.32 -4.22
N LEU A 219 -9.74 26.33 -5.50
CA LEU A 219 -10.72 26.40 -6.58
C LEU A 219 -11.14 25.00 -7.00
N LEU A 220 -12.43 24.81 -7.26
CA LEU A 220 -12.96 23.53 -7.68
C LEU A 220 -13.56 23.61 -9.09
N ASP A 221 -13.58 22.47 -9.78
CA ASP A 221 -14.11 22.42 -11.13
C ASP A 221 -15.62 22.54 -11.15
N ASP A 222 -16.20 22.85 -10.00
CA ASP A 222 -17.64 23.03 -9.87
C ASP A 222 -17.92 24.51 -9.60
N GLY A 223 -17.05 25.36 -10.13
CA GLY A 223 -17.19 26.79 -9.98
C GLY A 223 -17.06 27.31 -8.55
N THR A 224 -17.16 26.42 -7.57
CA THR A 224 -17.06 26.83 -6.18
C THR A 224 -15.63 26.90 -5.65
N ARG A 225 -15.50 26.98 -4.34
CA ARG A 225 -14.18 27.04 -3.73
C ARG A 225 -14.26 26.56 -2.29
N ILE A 226 -13.09 26.35 -1.67
CA ILE A 226 -12.98 25.88 -0.28
C ILE A 226 -11.73 26.49 0.35
N ALA A 227 -11.85 26.94 1.60
CA ALA A 227 -10.73 27.53 2.32
C ALA A 227 -10.07 26.44 3.16
N ALA A 228 -8.77 26.53 3.37
CA ALA A 228 -8.05 25.52 4.16
C ALA A 228 -6.70 26.00 4.72
N ASP A 229 -6.42 25.59 5.95
CA ASP A 229 -5.18 25.94 6.64
C ASP A 229 -4.02 25.03 6.22
N MET A 230 -4.36 23.90 5.60
CA MET A 230 -3.37 22.93 5.15
C MET A 230 -4.02 21.93 4.23
N VAL A 231 -3.35 21.64 3.12
CA VAL A 231 -3.87 20.68 2.14
C VAL A 231 -2.98 19.44 2.05
N VAL A 232 -3.59 18.26 2.13
CA VAL A 232 -2.86 17.01 2.00
C VAL A 232 -3.41 16.26 0.78
N VAL A 233 -2.55 16.00 -0.20
CA VAL A 233 -2.92 15.30 -1.41
C VAL A 233 -2.73 13.79 -1.33
N GLY A 234 -3.80 13.04 -1.58
CA GLY A 234 -3.74 11.58 -1.55
C GLY A 234 -4.43 11.01 -2.77
N ILE A 235 -3.84 11.25 -3.95
CA ILE A 235 -4.42 10.81 -5.20
C ILE A 235 -3.68 9.69 -5.93
N GLY A 236 -3.05 8.79 -5.17
CA GLY A 236 -2.33 7.69 -5.77
C GLY A 236 -0.84 7.91 -5.94
N VAL A 237 -0.15 6.87 -6.38
CA VAL A 237 1.29 6.94 -6.56
C VAL A 237 1.76 6.57 -7.97
N LEU A 238 3.07 6.69 -8.17
CA LEU A 238 3.72 6.36 -9.43
C LEU A 238 4.95 5.56 -9.05
N ALA A 239 5.20 4.47 -9.77
CA ALA A 239 6.33 3.62 -9.47
C ALA A 239 7.65 4.35 -9.65
N ASN A 240 8.56 4.11 -8.71
CA ASN A 240 9.89 4.73 -8.79
C ASN A 240 10.69 3.77 -9.65
N ASP A 241 10.40 3.76 -10.95
CA ASP A 241 11.10 2.87 -11.87
C ASP A 241 12.07 3.56 -12.82
N ALA A 242 12.35 4.83 -12.54
CA ALA A 242 13.26 5.61 -13.39
C ALA A 242 14.54 4.87 -13.75
N LEU A 243 15.17 4.23 -12.77
CA LEU A 243 16.41 3.51 -13.00
C LEU A 243 16.25 2.35 -13.98
N ALA A 244 15.15 1.62 -13.83
CA ALA A 244 14.89 0.47 -14.70
C ALA A 244 14.56 0.97 -16.10
N ARG A 245 13.89 2.10 -16.20
CA ARG A 245 13.55 2.67 -17.50
C ARG A 245 14.82 3.06 -18.27
N ALA A 246 15.83 3.53 -17.54
CA ALA A 246 17.09 3.95 -18.15
C ALA A 246 18.04 2.79 -18.45
N ALA A 247 17.98 1.73 -17.65
CA ALA A 247 18.83 0.59 -17.88
C ALA A 247 18.18 -0.34 -18.90
N GLY A 248 17.13 0.17 -19.54
CA GLY A 248 16.44 -0.60 -20.57
C GLY A 248 15.51 -1.74 -20.17
N LEU A 249 15.19 -1.85 -18.89
CA LEU A 249 14.30 -2.91 -18.43
C LEU A 249 12.92 -2.59 -18.99
N ALA A 250 12.05 -3.60 -18.99
CA ALA A 250 10.69 -3.42 -19.47
C ALA A 250 9.79 -2.92 -18.34
N CYS A 251 9.18 -1.76 -18.54
CA CYS A 251 8.27 -1.22 -17.54
C CYS A 251 7.36 -0.14 -18.06
N ASP A 252 6.23 0.03 -17.38
CA ASP A 252 5.23 1.01 -17.74
C ASP A 252 4.60 1.47 -16.43
N ASP A 253 5.25 2.42 -15.76
CA ASP A 253 4.77 2.91 -14.48
C ASP A 253 4.73 1.70 -13.56
N GLY A 254 5.86 1.02 -13.45
CA GLY A 254 5.98 -0.17 -12.64
C GLY A 254 6.79 -1.15 -13.46
N ILE A 255 7.64 -1.92 -12.79
CA ILE A 255 8.49 -2.89 -13.47
C ILE A 255 7.81 -4.27 -13.61
N PHE A 256 7.74 -4.79 -14.84
CA PHE A 256 7.12 -6.10 -15.06
C PHE A 256 7.98 -7.23 -14.57
N VAL A 257 7.40 -8.10 -13.73
CA VAL A 257 8.14 -9.26 -13.23
C VAL A 257 7.25 -10.51 -13.22
N ASP A 258 7.88 -11.69 -13.21
CA ASP A 258 7.14 -12.94 -13.18
C ASP A 258 7.09 -13.44 -11.73
N ALA A 259 6.47 -14.60 -11.51
CA ALA A 259 6.33 -15.13 -10.17
C ALA A 259 7.64 -15.30 -9.40
N TYR A 260 8.77 -15.14 -10.08
CA TYR A 260 10.08 -15.29 -9.44
C TYR A 260 10.71 -13.92 -9.19
N GLY A 261 9.97 -12.87 -9.57
CA GLY A 261 10.44 -11.51 -9.41
C GLY A 261 11.43 -11.13 -10.49
N ARG A 262 11.49 -11.90 -11.58
CA ARG A 262 12.42 -11.61 -12.67
C ARG A 262 11.99 -10.46 -13.59
N THR A 263 12.91 -9.55 -13.88
CA THR A 263 12.62 -8.46 -14.79
C THR A 263 13.12 -8.97 -16.16
N THR A 264 12.90 -8.22 -17.23
CA THR A 264 13.36 -8.65 -18.55
C THR A 264 14.89 -8.50 -18.69
N CYS A 265 15.54 -7.97 -17.67
CA CYS A 265 16.99 -7.81 -17.69
C CYS A 265 17.61 -8.87 -16.78
N PRO A 266 18.49 -9.72 -17.36
CA PRO A 266 19.15 -10.79 -16.59
C PRO A 266 19.92 -10.32 -15.37
N ASP A 267 19.76 -11.05 -14.28
CA ASP A 267 20.42 -10.78 -13.01
C ASP A 267 19.84 -9.58 -12.27
N VAL A 268 18.71 -9.08 -12.77
CA VAL A 268 18.03 -7.96 -12.14
C VAL A 268 16.60 -8.36 -11.82
N TYR A 269 16.27 -8.26 -10.53
CA TYR A 269 14.96 -8.59 -9.98
C TYR A 269 14.28 -7.34 -9.44
N ALA A 270 12.99 -7.45 -9.17
CA ALA A 270 12.24 -6.31 -8.62
C ALA A 270 11.10 -6.80 -7.74
N LEU A 271 10.80 -6.07 -6.67
CA LEU A 271 9.71 -6.46 -5.79
C LEU A 271 9.10 -5.24 -5.12
N GLY A 272 7.94 -5.41 -4.51
CA GLY A 272 7.27 -4.32 -3.82
C GLY A 272 6.32 -3.46 -4.66
N ASP A 273 6.11 -2.24 -4.21
CA ASP A 273 5.22 -1.26 -4.87
C ASP A 273 5.68 -0.91 -6.28
N VAL A 274 6.98 -1.00 -6.50
CA VAL A 274 7.56 -0.62 -7.78
C VAL A 274 7.30 -1.59 -8.91
N THR A 275 6.58 -2.67 -8.63
CA THR A 275 6.31 -3.65 -9.68
C THR A 275 4.87 -3.92 -10.09
N ARG A 276 4.73 -4.34 -11.35
CA ARG A 276 3.45 -4.74 -11.94
C ARG A 276 3.64 -6.25 -12.07
N GLN A 277 2.78 -6.99 -11.38
CA GLN A 277 2.83 -8.43 -11.38
C GLN A 277 1.45 -9.01 -11.69
N ARG A 278 1.38 -10.34 -11.78
CA ARG A 278 0.12 -11.00 -12.08
C ARG A 278 -0.77 -11.19 -10.86
N ASN A 279 -2.03 -10.82 -10.99
CA ASN A 279 -3.02 -10.98 -9.93
C ASN A 279 -3.62 -12.37 -10.20
N PRO A 280 -3.27 -13.38 -9.37
CA PRO A 280 -3.82 -14.72 -9.63
C PRO A 280 -5.35 -14.83 -9.70
N LEU A 281 -6.03 -13.81 -9.18
CA LEU A 281 -7.50 -13.79 -9.16
C LEU A 281 -8.11 -13.16 -10.41
N SER A 282 -7.46 -12.15 -10.97
CA SER A 282 -7.99 -11.50 -12.16
C SER A 282 -7.19 -11.92 -13.38
N GLY A 283 -6.12 -12.69 -13.17
CA GLY A 283 -5.28 -13.16 -14.26
C GLY A 283 -4.61 -12.02 -15.02
N ARG A 284 -4.77 -10.79 -14.51
CA ARG A 284 -4.21 -9.62 -15.15
C ARG A 284 -2.99 -9.13 -14.41
N PHE A 285 -2.13 -8.42 -15.13
CA PHE A 285 -0.94 -7.85 -14.54
C PHE A 285 -1.35 -6.51 -13.98
N GLU A 286 -0.89 -6.19 -12.78
CA GLU A 286 -1.24 -4.93 -12.16
C GLU A 286 -0.28 -4.64 -11.03
N ARG A 287 -0.34 -3.42 -10.52
CA ARG A 287 0.50 -3.03 -9.42
C ARG A 287 -0.25 -3.30 -8.13
N ILE A 288 0.23 -4.25 -7.35
CA ILE A 288 -0.36 -4.61 -6.07
C ILE A 288 0.44 -3.83 -5.03
N GLU A 289 -0.15 -2.74 -4.54
CA GLU A 289 0.51 -1.84 -3.59
C GLU A 289 0.14 -2.02 -2.12
N THR A 290 0.21 -3.25 -1.64
CA THR A 290 -0.15 -3.51 -0.24
C THR A 290 0.97 -4.00 0.66
N TRP A 291 0.83 -3.66 1.93
CA TRP A 291 1.78 -4.07 2.95
C TRP A 291 2.02 -5.58 2.83
N SER A 292 0.94 -6.36 2.73
CA SER A 292 1.07 -7.82 2.63
C SER A 292 1.88 -8.24 1.41
N ASN A 293 1.70 -7.55 0.29
CA ASN A 293 2.45 -7.89 -0.92
C ASN A 293 3.92 -7.54 -0.76
N ALA A 294 4.18 -6.36 -0.19
CA ALA A 294 5.55 -5.90 0.02
C ALA A 294 6.34 -6.96 0.81
N GLN A 295 5.73 -7.46 1.88
CA GLN A 295 6.39 -8.47 2.70
C GLN A 295 6.38 -9.86 2.07
N ASN A 296 5.19 -10.35 1.71
CA ASN A 296 5.04 -11.67 1.12
C ASN A 296 5.82 -11.89 -0.17
N GLN A 297 5.77 -10.92 -1.07
CA GLN A 297 6.49 -11.08 -2.33
C GLN A 297 8.01 -11.06 -2.13
N GLY A 298 8.48 -10.21 -1.22
CA GLY A 298 9.90 -10.16 -0.94
C GLY A 298 10.40 -11.52 -0.50
N ILE A 299 9.74 -12.08 0.51
CA ILE A 299 10.10 -13.39 1.02
C ILE A 299 10.03 -14.46 -0.10
N ALA A 300 8.94 -14.46 -0.86
CA ALA A 300 8.79 -15.44 -1.92
C ALA A 300 9.98 -15.40 -2.85
N VAL A 301 10.26 -14.21 -3.39
CA VAL A 301 11.38 -14.04 -4.32
C VAL A 301 12.73 -14.39 -3.70
N ALA A 302 12.92 -14.07 -2.42
CA ALA A 302 14.16 -14.38 -1.72
C ALA A 302 14.30 -15.89 -1.56
N ARG A 303 13.20 -16.53 -1.17
CA ARG A 303 13.14 -17.97 -0.96
C ARG A 303 13.51 -18.78 -2.21
N HIS A 304 13.11 -18.28 -3.38
CA HIS A 304 13.37 -18.94 -4.65
C HIS A 304 14.78 -18.65 -5.17
N LEU A 305 15.34 -17.51 -4.79
CA LEU A 305 16.69 -17.18 -5.24
C LEU A 305 17.66 -18.13 -4.57
N VAL A 306 17.43 -18.37 -3.28
CA VAL A 306 18.27 -19.24 -2.47
C VAL A 306 18.04 -20.73 -2.83
N ASP A 307 16.82 -21.07 -3.25
CA ASP A 307 16.48 -22.44 -3.61
C ASP A 307 15.50 -22.49 -4.79
N PRO A 308 16.02 -22.61 -6.01
CA PRO A 308 15.18 -22.64 -7.23
C PRO A 308 14.07 -23.68 -7.15
N THR A 309 14.25 -24.65 -6.26
CA THR A 309 13.28 -25.72 -6.06
C THR A 309 11.99 -25.15 -5.50
N ALA A 310 12.10 -24.01 -4.81
CA ALA A 310 10.94 -23.38 -4.21
C ALA A 310 10.03 -22.76 -5.27
N PRO A 311 8.72 -22.79 -5.02
CA PRO A 311 7.69 -22.25 -5.92
C PRO A 311 7.76 -20.75 -6.06
N GLY A 312 7.13 -20.23 -7.10
CA GLY A 312 7.13 -18.79 -7.30
C GLY A 312 6.09 -18.18 -6.38
N TYR A 313 6.05 -16.85 -6.31
CA TYR A 313 5.08 -16.13 -5.47
C TYR A 313 3.66 -16.53 -5.89
N ALA A 314 2.79 -16.78 -4.91
CA ALA A 314 1.43 -17.19 -5.23
C ALA A 314 0.38 -16.60 -4.32
N GLU A 315 0.82 -15.93 -3.26
CA GLU A 315 -0.12 -15.33 -2.32
C GLU A 315 -1.18 -14.52 -3.02
N LEU A 316 -2.39 -14.58 -2.49
CA LEU A 316 -3.52 -13.83 -3.04
C LEU A 316 -3.53 -12.52 -2.27
N PRO A 317 -3.95 -11.44 -2.93
CA PRO A 317 -4.03 -10.09 -2.36
C PRO A 317 -5.06 -9.84 -1.25
N TRP A 318 -4.72 -8.91 -0.37
CA TRP A 318 -5.59 -8.54 0.74
C TRP A 318 -4.92 -7.40 1.47
N TYR A 319 -5.68 -6.66 2.25
CA TYR A 319 -5.14 -5.55 3.01
C TYR A 319 -6.19 -5.07 4.00
N TRP A 320 -5.76 -4.29 4.99
CA TRP A 320 -6.66 -3.76 6.00
C TRP A 320 -6.61 -2.23 5.91
N SER A 321 -7.48 -1.56 6.65
CA SER A 321 -7.49 -0.09 6.69
C SER A 321 -8.18 0.35 7.97
N ASP A 322 -7.44 1.07 8.81
CA ASP A 322 -7.99 1.52 10.06
C ASP A 322 -8.50 2.93 9.90
N GLN A 323 -9.82 3.06 9.91
CA GLN A 323 -10.48 4.35 9.77
C GLN A 323 -11.39 4.59 10.96
N GLY A 324 -10.84 5.22 11.99
CA GLY A 324 -11.60 5.51 13.20
C GLY A 324 -12.20 4.28 13.83
N ALA A 325 -13.52 4.27 13.93
CA ALA A 325 -14.27 3.16 14.53
C ALA A 325 -14.44 2.02 13.54
N LEU A 326 -13.93 2.20 12.33
CA LEU A 326 -14.05 1.18 11.31
C LEU A 326 -12.75 0.42 11.10
N ARG A 327 -12.75 -0.84 11.49
CA ARG A 327 -11.60 -1.71 11.30
C ARG A 327 -11.95 -2.52 10.05
N ILE A 328 -11.47 -2.05 8.89
CA ILE A 328 -11.75 -2.73 7.62
C ILE A 328 -10.66 -3.69 7.17
N GLN A 329 -11.08 -4.75 6.49
CA GLN A 329 -10.21 -5.78 5.93
C GLN A 329 -10.82 -6.23 4.63
N VAL A 330 -10.07 -6.06 3.53
CA VAL A 330 -10.53 -6.44 2.20
C VAL A 330 -9.58 -7.43 1.56
N ALA A 331 -10.12 -8.55 1.09
CA ALA A 331 -9.31 -9.57 0.44
C ALA A 331 -9.89 -9.91 -0.92
N GLY A 332 -9.03 -10.40 -1.82
CA GLY A 332 -9.46 -10.80 -3.14
C GLY A 332 -9.99 -9.68 -4.00
N LEU A 333 -10.96 -9.99 -4.87
CA LEU A 333 -11.55 -9.00 -5.75
C LEU A 333 -12.71 -8.28 -5.06
N ALA A 334 -13.08 -7.12 -5.60
CA ALA A 334 -14.16 -6.30 -5.07
C ALA A 334 -15.56 -6.64 -5.57
N SER A 335 -15.64 -7.43 -6.64
CA SER A 335 -16.92 -7.82 -7.23
C SER A 335 -16.87 -9.19 -7.90
N GLY A 336 -18.00 -9.57 -8.50
CA GLY A 336 -18.09 -10.84 -9.19
C GLY A 336 -19.50 -11.10 -9.69
N ASP A 337 -19.99 -12.31 -9.43
CA ASP A 337 -21.32 -12.78 -9.82
C ASP A 337 -22.37 -12.19 -8.88
N GLU A 338 -22.08 -12.31 -7.59
CA GLU A 338 -22.97 -11.81 -6.56
C GLU A 338 -22.18 -11.56 -5.29
N GLU A 339 -22.85 -10.96 -4.31
CA GLU A 339 -22.24 -10.66 -3.04
C GLU A 339 -23.21 -11.03 -1.92
N ILE A 340 -22.71 -11.80 -0.97
CA ILE A 340 -23.50 -12.20 0.18
C ILE A 340 -23.10 -11.31 1.34
N VAL A 341 -24.10 -10.80 2.06
CA VAL A 341 -23.87 -9.91 3.20
C VAL A 341 -24.18 -10.53 4.57
N ARG A 342 -23.15 -10.98 5.28
CA ARG A 342 -23.29 -11.59 6.59
C ARG A 342 -23.37 -10.56 7.72
N GLY A 343 -24.56 -10.35 8.25
CA GLY A 343 -24.72 -9.37 9.32
C GLY A 343 -25.48 -8.16 8.81
N GLU A 344 -25.61 -7.15 9.66
CA GLU A 344 -26.34 -5.94 9.29
C GLU A 344 -25.44 -4.76 9.02
N VAL A 345 -25.83 -3.93 8.06
CA VAL A 345 -25.06 -2.76 7.70
C VAL A 345 -25.66 -1.48 8.29
N SER A 346 -25.24 -1.14 9.51
CA SER A 346 -25.73 0.05 10.18
C SER A 346 -24.60 0.85 10.86
N LEU A 347 -24.79 2.17 10.91
CA LEU A 347 -23.82 3.06 11.50
C LEU A 347 -23.69 2.91 13.02
N ASP A 348 -24.66 2.23 13.62
CA ASP A 348 -24.67 2.02 15.06
C ASP A 348 -24.01 0.70 15.43
N ALA A 349 -24.41 -0.36 14.73
CA ALA A 349 -23.82 -1.67 14.96
C ALA A 349 -22.86 -1.95 13.78
N PRO A 350 -21.74 -1.20 13.71
CA PRO A 350 -20.83 -1.45 12.59
C PRO A 350 -20.08 -2.76 12.73
N LYS A 351 -20.67 -3.81 12.20
CA LYS A 351 -20.07 -5.14 12.22
C LYS A 351 -20.75 -5.97 11.15
N PHE A 352 -19.98 -6.35 10.14
CA PHE A 352 -20.52 -7.15 9.06
C PHE A 352 -19.46 -7.72 8.14
N THR A 353 -19.89 -8.64 7.30
CA THR A 353 -18.99 -9.30 6.37
C THR A 353 -19.64 -9.37 4.99
N LEU A 354 -18.83 -9.12 3.95
CA LEU A 354 -19.28 -9.20 2.57
C LEU A 354 -18.52 -10.35 1.91
N ILE A 355 -19.18 -11.10 1.04
CA ILE A 355 -18.51 -12.19 0.34
C ILE A 355 -18.80 -11.98 -1.12
N GLU A 356 -17.77 -12.03 -1.95
CA GLU A 356 -17.94 -11.84 -3.38
C GLU A 356 -17.68 -13.15 -4.08
N LEU A 357 -18.71 -13.66 -4.75
CA LEU A 357 -18.63 -14.93 -5.49
C LEU A 357 -18.68 -14.69 -6.99
N GLN A 358 -18.06 -15.59 -7.73
CA GLN A 358 -18.05 -15.54 -9.19
C GLN A 358 -18.44 -16.94 -9.61
N LYS A 359 -19.64 -17.07 -10.17
CA LYS A 359 -20.14 -18.37 -10.60
C LYS A 359 -20.06 -19.37 -9.44
N GLY A 360 -20.36 -18.92 -8.22
CA GLY A 360 -20.35 -19.81 -7.08
C GLY A 360 -19.01 -19.92 -6.33
N ARG A 361 -17.94 -19.42 -6.93
CA ARG A 361 -16.62 -19.46 -6.31
C ARG A 361 -16.31 -18.16 -5.55
N ILE A 362 -15.90 -18.27 -4.30
CA ILE A 362 -15.56 -17.07 -3.53
C ILE A 362 -14.32 -16.45 -4.16
N VAL A 363 -14.43 -15.16 -4.53
CA VAL A 363 -13.34 -14.44 -5.15
C VAL A 363 -12.95 -13.19 -4.37
N GLY A 364 -13.58 -12.99 -3.22
CA GLY A 364 -13.26 -11.82 -2.42
C GLY A 364 -14.14 -11.70 -1.19
N ALA A 365 -13.65 -10.98 -0.18
CA ALA A 365 -14.40 -10.79 1.05
C ALA A 365 -13.99 -9.50 1.77
N THR A 366 -14.90 -8.97 2.58
CA THR A 366 -14.69 -7.74 3.32
C THR A 366 -15.19 -7.93 4.75
N CYS A 367 -14.35 -7.62 5.73
CA CYS A 367 -14.74 -7.76 7.14
C CYS A 367 -14.66 -6.42 7.86
N VAL A 368 -15.79 -5.95 8.39
CA VAL A 368 -15.81 -4.68 9.13
C VAL A 368 -16.01 -4.99 10.61
N ASN A 369 -14.97 -4.78 11.40
CA ASN A 369 -15.00 -5.05 12.83
C ASN A 369 -15.35 -6.52 13.05
N ASN A 370 -14.66 -7.39 12.34
CA ASN A 370 -14.95 -8.83 12.40
C ASN A 370 -13.76 -9.73 12.09
N ALA A 371 -12.56 -9.35 12.54
CA ALA A 371 -11.36 -10.14 12.28
C ALA A 371 -11.49 -11.66 12.44
N ARG A 372 -12.44 -12.12 13.25
CA ARG A 372 -12.61 -13.56 13.44
C ARG A 372 -12.91 -14.23 12.10
N ASP A 373 -13.79 -13.61 11.32
CA ASP A 373 -14.21 -14.13 10.01
C ASP A 373 -13.18 -14.02 8.89
N PHE A 374 -12.32 -13.00 8.94
CA PHE A 374 -11.34 -12.76 7.87
C PHE A 374 -10.43 -13.93 7.57
N ALA A 375 -9.74 -14.43 8.59
CA ALA A 375 -8.82 -15.55 8.44
C ALA A 375 -9.46 -16.75 7.72
N PRO A 376 -10.62 -17.24 8.19
CA PRO A 376 -11.21 -18.39 7.49
C PRO A 376 -11.61 -18.07 6.05
N LEU A 377 -12.19 -16.90 5.84
CA LEU A 377 -12.62 -16.50 4.50
C LEU A 377 -11.46 -16.42 3.54
N ARG A 378 -10.29 -16.03 4.06
CA ARG A 378 -9.08 -15.92 3.25
C ARG A 378 -8.67 -17.34 2.87
N ARG A 379 -8.90 -18.28 3.80
CA ARG A 379 -8.58 -19.68 3.58
C ARG A 379 -9.45 -20.24 2.48
N LEU A 380 -10.75 -19.95 2.56
CA LEU A 380 -11.71 -20.42 1.57
C LEU A 380 -11.48 -19.76 0.22
N LEU A 381 -11.01 -18.52 0.22
CA LEU A 381 -10.74 -17.83 -1.02
C LEU A 381 -9.47 -18.44 -1.59
N ALA A 382 -8.54 -18.73 -0.69
CA ALA A 382 -7.26 -19.32 -1.04
C ALA A 382 -7.41 -20.56 -1.92
N VAL A 383 -8.50 -21.29 -1.74
CA VAL A 383 -8.75 -22.51 -2.51
C VAL A 383 -9.94 -22.42 -3.47
N GLY A 384 -10.42 -21.20 -3.70
CA GLY A 384 -11.55 -21.04 -4.61
C GLY A 384 -12.69 -21.93 -4.19
N ALA A 385 -13.04 -21.84 -2.90
CA ALA A 385 -14.10 -22.63 -2.33
C ALA A 385 -15.43 -22.26 -2.98
N LYS A 386 -16.31 -23.24 -3.09
CA LYS A 386 -17.64 -23.06 -3.66
C LYS A 386 -18.62 -23.58 -2.62
N PRO A 387 -18.69 -22.91 -1.45
CA PRO A 387 -19.56 -23.28 -0.33
C PRO A 387 -21.03 -22.99 -0.57
N ASP A 388 -21.89 -23.66 0.20
CA ASP A 388 -23.34 -23.52 0.12
C ASP A 388 -23.82 -22.21 -0.52
N ARG A 389 -24.05 -21.20 0.31
CA ARG A 389 -24.54 -19.89 -0.14
C ARG A 389 -25.61 -19.49 0.85
N ALA A 390 -26.46 -20.43 1.22
CA ALA A 390 -27.53 -20.18 2.19
C ALA A 390 -26.87 -20.27 3.57
N ALA A 391 -26.02 -21.26 3.71
CA ALA A 391 -25.28 -21.48 4.95
C ALA A 391 -24.23 -20.38 5.01
N LEU A 392 -23.95 -19.81 3.85
CA LEU A 392 -22.97 -18.73 3.72
C LEU A 392 -23.58 -17.38 4.06
N ALA A 393 -24.91 -17.30 4.04
CA ALA A 393 -25.59 -16.04 4.32
C ALA A 393 -26.16 -15.97 5.74
N ASP A 394 -26.21 -17.10 6.43
CA ASP A 394 -26.76 -17.12 7.78
C ASP A 394 -25.73 -17.63 8.82
N PRO A 395 -25.76 -17.03 10.03
CA PRO A 395 -24.92 -17.29 11.22
C PRO A 395 -24.32 -18.70 11.42
N ALA A 396 -23.49 -19.12 10.47
CA ALA A 396 -22.82 -20.41 10.52
C ALA A 396 -21.38 -20.11 10.96
N THR A 397 -20.58 -21.10 11.31
CA THR A 397 -19.19 -20.80 11.70
C THR A 397 -18.25 -21.02 10.53
N ASP A 398 -17.71 -19.91 10.01
CA ASP A 398 -16.79 -19.96 8.89
C ASP A 398 -15.55 -20.73 9.25
N LEU A 399 -15.03 -20.47 10.44
CA LEU A 399 -13.84 -21.17 10.91
C LEU A 399 -14.08 -22.65 10.65
N ARG A 400 -15.31 -23.08 10.94
CA ARG A 400 -15.73 -24.46 10.76
C ARG A 400 -15.88 -24.82 9.28
N LYS A 401 -16.71 -24.07 8.55
CA LYS A 401 -16.93 -24.32 7.12
C LYS A 401 -15.59 -24.38 6.40
N LEU A 402 -14.66 -23.53 6.83
CA LEU A 402 -13.34 -23.49 6.24
C LEU A 402 -12.64 -24.77 6.64
N ALA A 403 -12.89 -25.18 7.89
CA ALA A 403 -12.31 -26.38 8.45
C ALA A 403 -12.80 -27.60 7.68
N ALA A 404 -14.07 -27.57 7.28
CA ALA A 404 -14.67 -28.66 6.52
C ALA A 404 -13.93 -28.90 5.20
N ALA A 405 -13.76 -27.85 4.42
CA ALA A 405 -13.07 -27.96 3.13
C ALA A 405 -11.54 -27.99 3.31
PA FAD B . 8.46 1.70 -0.13
O1A FAD B . 8.09 2.86 -1.01
O2A FAD B . 8.07 1.62 1.16
O5B FAD B . 9.96 1.97 -0.06
C5B FAD B . 10.87 2.13 -1.20
C4B FAD B . 12.07 2.92 -0.62
O4B FAD B . 13.09 3.03 -1.69
C3B FAD B . 11.79 4.37 -0.16
O3B FAD B . 12.25 4.74 1.08
C2B FAD B . 12.31 5.18 -1.33
O2B FAD B . 12.58 6.54 -1.02
C1B FAD B . 13.57 4.41 -1.63
N9A FAD B . 14.15 4.66 -2.94
C8A FAD B . 13.46 4.89 -4.12
N7A FAD B . 14.28 5.10 -5.16
C5A FAD B . 15.55 5.00 -4.64
C6A FAD B . 16.90 5.15 -5.26
N6A FAD B . 17.10 5.42 -6.54
N1A FAD B . 17.96 4.97 -4.39
C2A FAD B . 17.78 4.69 -3.05
N3A FAD B . 16.60 4.55 -2.41
C4A FAD B . 15.51 4.71 -3.25
N1 FAD B . -0.72 -0.97 3.30
C2 FAD B . -1.62 -1.79 3.81
O2 FAD B . -1.79 -2.88 3.36
N3 FAD B . -2.44 -1.41 4.94
C4 FAD B . -2.34 -0.15 5.53
O4 FAD B . -3.07 0.14 6.47
C4X FAD B . -1.36 0.77 4.95
N5 FAD B . -1.22 2.02 5.46
C5X FAD B . -0.30 2.87 4.87
C6 FAD B . -0.18 4.20 5.37
C7 FAD B . 0.72 5.12 4.82
C7M FAD B . 0.81 6.51 5.37
C8 FAD B . 1.55 4.72 3.68
C8M FAD B . 2.53 5.66 3.01
C9 FAD B . 1.44 3.40 3.17
C9A FAD B . 0.53 2.48 3.74
N10 FAD B . 0.34 1.10 3.25
C10 FAD B . -0.55 0.29 3.81
C1' FAD B . 1.17 0.65 2.08
C2' FAD B . 2.58 0.10 2.51
O2' FAD B . 3.24 1.10 3.27
C3' FAD B . 3.31 -0.18 1.22
O3' FAD B . 2.62 -1.21 0.52
C4' FAD B . 4.74 -0.63 1.47
O4' FAD B . 5.46 0.40 2.20
C5' FAD B . 5.39 -0.86 0.13
O5' FAD B . 6.92 -1.24 0.41
P FAD B . 8.00 -1.09 -0.65
O1P FAD B . 9.15 -1.84 0.05
O2P FAD B . 7.66 -1.61 -1.90
O3P FAD B . 8.36 0.32 -0.92
PA NAD C . -5.45 5.46 -4.03
O1A NAD C . -5.12 5.12 -5.42
O2A NAD C . -5.84 4.36 -3.03
O5B NAD C . -6.71 6.46 -3.93
C5B NAD C . -6.69 7.80 -4.54
C4B NAD C . -8.14 8.27 -4.65
O4B NAD C . -7.92 9.59 -5.29
C3B NAD C . -9.01 7.50 -5.71
O3B NAD C . -10.36 7.23 -5.05
C2B NAD C . -9.20 8.37 -6.91
O2B NAD C . -10.30 8.27 -7.70
C1B NAD C . -8.92 9.77 -6.26
N9A NAD C . -8.33 10.72 -7.16
C8A NAD C . -7.49 10.68 -8.24
N7A NAD C . -7.18 11.84 -8.78
C5A NAD C . -7.84 12.76 -8.04
C6A NAD C . -7.88 14.26 -8.16
N6A NAD C . -7.24 14.95 -9.06
N1A NAD C . -8.68 14.81 -7.19
C2A NAD C . -9.39 14.21 -6.20
N3A NAD C . -9.37 12.79 -6.07
C4A NAD C . -8.58 12.13 -7.03
O3 NAD C . -4.29 6.27 -3.35
PN NAD C . -3.68 6.73 -1.96
O1N NAD C . -4.70 6.62 -0.90
O2N NAD C . -3.08 8.08 -2.14
O5D NAD C . -2.55 5.67 -1.50
C5D NAD C . -1.38 5.59 -2.45
C4D NAD C . -0.47 4.47 -1.98
O4D NAD C . -0.63 4.29 -0.49
C3D NAD C . -0.80 3.04 -2.50
O3D NAD C . 0.43 2.28 -2.64
C2D NAD C . -1.72 2.41 -1.46
O2D NAD C . -1.92 1.02 -1.52
C1D NAD C . -1.06 2.91 -0.14
N1N NAD C . -1.95 2.99 1.06
C2N NAD C . -2.72 1.89 1.44
C3N NAD C . -3.53 1.99 2.53
C7N NAD C . -4.37 0.76 2.92
O7N NAD C . -4.39 -0.33 2.35
N7N NAD C . -5.17 1.00 4.08
C4N NAD C . -3.63 3.22 3.35
C5N NAD C . -2.81 4.28 2.88
C6N NAD C . -2.00 4.23 1.81
#